data_3FU2
#
_entry.id   3FU2
#
_cell.length_a   78.208
_cell.length_b   78.208
_cell.length_c   85.220
_cell.angle_alpha   90.00
_cell.angle_beta   90.00
_cell.angle_gamma   120.00
#
_symmetry.space_group_name_H-M   'P 32 2 1'
#
loop_
_entity.id
_entity.type
_entity.pdbx_description
1 polymer 'PreQ1 riboswitch'
2 non-polymer 7-DEAZA-7-AMINOMETHYL-GUANINE
3 non-polymer 'CALCIUM ION'
4 water water
#
_entity_poly.entity_id   1
_entity_poly.type   'polyribonucleotide'
_entity_poly.pdbx_seq_one_letter_code
;AGAGGUUCUAGCUACACCCUCUAUAAAAAACUAA
;
_entity_poly.pdbx_strand_id   A,B,C
#
loop_
_chem_comp.id
_chem_comp.type
_chem_comp.name
_chem_comp.formula
A RNA linking ADENOSINE-5'-MONOPHOSPHATE 'C10 H14 N5 O7 P'
C RNA linking CYTIDINE-5'-MONOPHOSPHATE 'C9 H14 N3 O8 P'
CA non-polymer 'CALCIUM ION' 'Ca 2'
G RNA linking GUANOSINE-5'-MONOPHOSPHATE 'C10 H14 N5 O8 P'
PRF non-polymer 7-DEAZA-7-AMINOMETHYL-GUANINE 'C7 H9 N5 O'
U RNA linking URIDINE-5'-MONOPHOSPHATE 'C9 H13 N2 O9 P'
#
# COMPACT_ATOMS: atom_id res chain seq x y z
N1 PRF D . -18.67 -0.07 3.05
C2 PRF D . -18.27 -1.33 2.67
N3 PRF D . -18.82 -1.95 1.66
C4 PRF D . -19.81 -1.38 0.92
C5 PRF D . -20.27 -0.09 1.25
C6 PRF D . -19.66 0.57 2.36
O6 PRF D . -20.02 1.69 2.69
C7 PRF D . -21.32 0.25 0.29
C10 PRF D . -22.13 1.52 0.21
N11 PRF D . -21.32 2.60 -0.38
C8 PRF D . -21.43 -0.82 -0.53
N9 PRF D . -20.53 -1.79 -0.16
N2 PRF D . -17.28 -1.94 3.38
CA CA E . -26.46 -6.11 -0.68
CA CA F . -7.87 1.08 -9.17
CA CA G . -32.15 -9.37 8.74
CA CA H . -22.41 -8.76 13.61
CA CA I . -10.60 7.65 -2.10
N1 PRF J . 4.72 -3.63 -18.50
C2 PRF J . 4.70 -4.39 -17.36
N3 PRF J . 5.16 -3.91 -16.20
C4 PRF J . 5.67 -2.66 -16.11
C5 PRF J . 5.72 -1.83 -17.27
C6 PRF J . 5.23 -2.36 -18.50
O6 PRF J . 5.25 -1.69 -19.52
C7 PRF J . 6.32 -0.56 -16.84
C10 PRF J . 6.58 0.67 -17.68
N11 PRF J . 5.32 1.39 -17.93
C8 PRF J . 6.58 -0.68 -15.52
N9 PRF J . 6.20 -1.94 -15.08
N2 PRF J . 4.18 -5.66 -17.42
CA CA K . 13.35 -2.22 -12.40
CA CA L . -6.86 3.69 -18.44
N1 PRF M . 18.23 5.90 16.18
C2 PRF M . 18.32 6.10 14.83
N3 PRF M . 18.01 5.13 13.96
C4 PRF M . 17.61 3.91 14.38
C5 PRF M . 17.50 3.65 15.78
C6 PRF M . 17.83 4.70 16.68
O6 PRF M . 17.77 4.53 17.87
C7 PRF M . 17.06 2.27 15.91
C10 PRF M . 16.79 1.54 17.21
N11 PRF M . 15.50 2.00 17.76
C8 PRF M . 16.92 1.78 14.67
N9 PRF M . 17.25 2.75 13.75
N2 PRF M . 18.71 7.33 14.36
CA CA N . 21.52 -2.35 11.15
CA CA O . 31.91 -5.21 12.46
#